data_4QAM
#
_entry.id   4QAM
#
_cell.length_a   63.120
_cell.length_b   63.800
_cell.length_c   161.440
_cell.angle_alpha   90.000
_cell.angle_beta   90.000
_cell.angle_gamma   90.000
#
_symmetry.space_group_name_H-M   'P 21 21 21'
#
loop_
_entity.id
_entity.type
_entity.pdbx_description
1 polymer 'X-linked retinitis pigmentosa GTPase regulator'
2 polymer 'X-linked retinitis pigmentosa GTPase regulator-interacting protein 1'
3 non-polymer 'MAGNESIUM ION'
4 non-polymer GLYCEROL
5 water water
#
loop_
_entity_poly.entity_id
_entity_poly.type
_entity_poly.pdbx_seq_one_letter_code
_entity_poly.pdbx_strand_id
1 'polypeptide(L)'
;MREPEELMPDSGAVFTFGKSKFAENNPGKFWFKNDVPVHLSCGDEHSAVVTGNNKLYMFGSNNWGQLGLGSKSAISKPTC
VKALKPEKVKLAACGRNHTLVSTEGGNVYATGGNNEGQLGLGDTEERNTFHVISFFTSEHKIKQLSAGSNTSAALTEDGR
LFMWGDNSEGQIGLKNVSNVCVPQQVTIGKPVSWVSCGYYHSAFVTTDGELYVFGEPENGKLGLPNQLLGNHRTPQLVSE
IPEKVIQVACGGEHTVVLTENAVYTFGLGQFGQLGLGTFLFETSEPKVIENIRDQTISYISCGENHTALITDIGLMYTFG
DGRHGKLGLGLENFTNHFIPTLCSNFLRFIVKLVACGGCHMVVFAAPHRGVAKEIEFDEINDTCLSVATFLPWSHPQFEK
;
A
2 'polypeptide(L)'
;GA(MSE)GSSEAQTTDSDDVIVPP(MSE)SQKYPKADSEK(MSE)CIEIVSLAFYPEAEV(MSE)SDENIKQVYVEYKFY
DLPLSETETPVSLRKPRAGEEIHFHFSKVIDLDPQEQQGRRRFLFD(MSE)LNGQDPDQGHLKFTVVSDPLDEEKKECEE
VGYAYLQLWQILESGRDILEQELDIVSPEDLATPIGRLKVSLQAAAVLHAIYKE(MSE)TEDLFS
;
B
#
loop_
_chem_comp.id
_chem_comp.type
_chem_comp.name
_chem_comp.formula
GOL non-polymer GLYCEROL 'C3 H8 O3'
MG non-polymer 'MAGNESIUM ION' 'Mg 2'
#
# COMPACT_ATOMS: atom_id res chain seq x y z
N GLU A 6 8.79 -27.76 9.05
CA GLU A 6 10.13 -27.96 8.37
C GLU A 6 10.22 -27.71 6.82
N LEU A 7 9.88 -28.68 5.97
CA LEU A 7 9.80 -28.42 4.50
C LEU A 7 8.51 -27.62 4.26
N MET A 8 8.54 -26.58 3.40
CA MET A 8 7.27 -25.89 3.01
CA MET A 8 7.31 -25.88 2.99
C MET A 8 6.30 -26.89 2.40
N PRO A 9 5.10 -27.00 3.00
CA PRO A 9 4.15 -27.98 2.51
C PRO A 9 3.78 -27.75 1.04
N ASP A 10 3.34 -28.84 0.38
CA ASP A 10 2.77 -28.78 -0.97
C ASP A 10 1.58 -27.82 -1.06
N SER A 11 0.80 -27.65 0.03
CA SER A 11 -0.35 -26.76 -0.01
C SER A 11 0.11 -25.24 0.02
N GLY A 12 1.36 -24.96 0.33
CA GLY A 12 1.92 -23.59 0.15
C GLY A 12 2.26 -22.88 1.46
N ALA A 13 2.39 -21.55 1.39
CA ALA A 13 2.73 -20.79 2.56
C ALA A 13 2.10 -19.40 2.48
N VAL A 14 2.07 -18.70 3.63
CA VAL A 14 1.70 -17.30 3.66
C VAL A 14 2.99 -16.48 3.57
N PHE A 15 3.04 -15.54 2.61
CA PHE A 15 4.23 -14.67 2.48
C PHE A 15 3.78 -13.28 2.90
N THR A 16 4.60 -12.59 3.70
CA THR A 16 4.27 -11.26 4.13
C THR A 16 5.34 -10.32 3.50
N PHE A 17 4.90 -9.11 3.12
CA PHE A 17 5.75 -8.08 2.55
C PHE A 17 5.45 -6.80 3.24
N GLY A 18 6.44 -5.92 3.30
CA GLY A 18 6.24 -4.59 3.91
C GLY A 18 6.44 -4.60 5.41
N LYS A 19 5.88 -3.61 6.06
CA LYS A 19 5.89 -3.53 7.52
C LYS A 19 4.68 -4.32 8.11
N SER A 20 4.76 -5.65 8.08
CA SER A 20 3.59 -6.45 8.61
C SER A 20 3.69 -6.66 10.10
N LYS A 21 4.86 -6.30 10.70
CA LYS A 21 5.21 -6.59 12.14
C LYS A 21 5.68 -8.03 12.38
N PHE A 22 5.79 -8.82 11.29
CA PHE A 22 6.24 -10.21 11.33
C PHE A 22 7.68 -10.29 10.77
N ALA A 23 8.54 -11.06 11.43
CA ALA A 23 9.91 -11.33 10.91
C ALA A 23 10.69 -10.00 10.65
N GLU A 24 10.47 -9.03 11.54
CA GLU A 24 11.12 -7.71 11.55
C GLU A 24 10.93 -6.93 10.25
N ASN A 25 9.78 -7.15 9.57
CA ASN A 25 9.45 -6.44 8.29
C ASN A 25 10.38 -6.76 7.06
N ASN A 26 11.10 -7.90 7.11
CA ASN A 26 11.74 -8.53 5.92
C ASN A 26 10.69 -9.41 5.32
N PRO A 27 10.80 -9.74 4.02
CA PRO A 27 9.85 -10.71 3.42
C PRO A 27 9.79 -12.00 4.27
N GLY A 28 8.62 -12.31 4.79
CA GLY A 28 8.48 -13.40 5.85
C GLY A 28 7.66 -14.48 5.21
N LYS A 29 7.63 -15.66 5.85
CA LYS A 29 6.91 -16.76 5.33
C LYS A 29 6.49 -17.58 6.58
N PHE A 30 5.27 -18.13 6.55
CA PHE A 30 4.82 -19.03 7.58
C PHE A 30 3.70 -19.92 7.05
N TRP A 31 3.39 -21.00 7.78
CA TRP A 31 2.26 -21.80 7.46
C TRP A 31 1.77 -22.46 8.74
N PHE A 32 0.81 -23.37 8.61
CA PHE A 32 0.14 -23.91 9.75
C PHE A 32 0.34 -25.40 9.83
N LYS A 33 0.29 -25.96 11.03
CA LYS A 33 0.42 -27.41 11.15
C LYS A 33 -0.94 -28.04 10.76
N ASN A 34 -0.96 -28.93 9.76
CA ASN A 34 -2.21 -29.61 9.28
C ASN A 34 -3.39 -28.67 9.09
N ASP A 35 -3.15 -27.49 8.54
CA ASP A 35 -4.21 -26.55 8.34
C ASP A 35 -3.69 -25.71 7.16
N VAL A 36 -4.55 -24.91 6.58
CA VAL A 36 -4.27 -24.10 5.42
C VAL A 36 -5.04 -22.78 5.55
N PRO A 37 -4.45 -21.65 5.08
CA PRO A 37 -5.25 -20.44 5.00
C PRO A 37 -6.38 -20.59 3.99
N VAL A 38 -7.50 -19.95 4.31
CA VAL A 38 -8.61 -19.88 3.39
C VAL A 38 -9.06 -18.45 3.13
N HIS A 39 -8.70 -17.46 3.97
CA HIS A 39 -9.14 -16.08 3.72
C HIS A 39 -8.11 -15.14 4.29
N LEU A 40 -7.68 -14.10 3.53
CA LEU A 40 -6.77 -13.12 4.11
C LEU A 40 -7.46 -11.75 4.12
N SER A 41 -7.11 -10.94 5.08
CA SER A 41 -7.52 -9.52 5.01
C SER A 41 -6.38 -8.70 5.67
N CYS A 42 -6.26 -7.44 5.25
CA CYS A 42 -5.23 -6.58 5.81
C CYS A 42 -5.87 -5.21 6.01
N GLY A 43 -5.53 -4.58 7.13
CA GLY A 43 -6.01 -3.22 7.40
C GLY A 43 -4.81 -2.28 7.32
N ASP A 44 -4.91 -1.16 7.98
CA ASP A 44 -3.90 -0.15 7.73
C ASP A 44 -2.56 -0.68 8.24
N GLU A 45 -2.55 -1.34 9.40
CA GLU A 45 -1.25 -1.80 9.97
C GLU A 45 -1.46 -3.14 10.64
N HIS A 46 -2.51 -3.87 10.26
CA HIS A 46 -2.64 -5.26 10.87
C HIS A 46 -3.23 -6.19 9.83
N SER A 47 -3.27 -7.48 10.17
CA SER A 47 -3.64 -8.54 9.24
C SER A 47 -4.41 -9.64 9.95
N ALA A 48 -5.31 -10.29 9.20
CA ALA A 48 -6.05 -11.49 9.76
C ALA A 48 -5.94 -12.65 8.78
N VAL A 49 -5.80 -13.87 9.29
CA VAL A 49 -5.85 -15.06 8.40
C VAL A 49 -6.88 -16.01 8.99
N VAL A 50 -7.85 -16.45 8.20
CA VAL A 50 -8.83 -17.46 8.67
C VAL A 50 -8.34 -18.77 8.04
N THR A 51 -8.34 -19.86 8.80
CA THR A 51 -7.81 -21.15 8.32
C THR A 51 -8.90 -22.08 7.98
N GLY A 52 -8.55 -23.11 7.21
CA GLY A 52 -9.52 -24.14 6.83
C GLY A 52 -10.15 -24.87 8.00
N ASN A 53 -9.43 -24.92 9.10
CA ASN A 53 -10.08 -25.47 10.31
C ASN A 53 -10.86 -24.43 11.09
N ASN A 54 -11.14 -23.27 10.45
CA ASN A 54 -11.99 -22.20 11.01
C ASN A 54 -11.43 -21.52 12.26
N LYS A 55 -10.11 -21.33 12.29
CA LYS A 55 -9.44 -20.60 13.34
C LYS A 55 -9.08 -19.24 12.77
N LEU A 56 -8.84 -18.27 13.68
CA LEU A 56 -8.48 -16.93 13.28
C LEU A 56 -7.09 -16.64 13.86
N TYR A 57 -6.19 -16.13 13.02
CA TYR A 57 -4.87 -15.71 13.46
C TYR A 57 -4.73 -14.21 13.11
N MET A 58 -4.23 -13.45 14.09
CA MET A 58 -4.06 -11.98 13.97
C MET A 58 -2.61 -11.60 14.13
N PHE A 59 -2.18 -10.54 13.45
CA PHE A 59 -0.84 -9.98 13.69
C PHE A 59 -0.80 -8.56 13.16
N GLY A 60 0.20 -7.84 13.66
CA GLY A 60 0.43 -6.43 13.31
C GLY A 60 0.24 -5.51 14.48
N SER A 61 -0.05 -4.21 14.20
CA SER A 61 -0.19 -3.23 15.26
C SER A 61 -1.43 -3.57 16.10
N ASN A 62 -1.39 -3.11 17.34
CA ASN A 62 -2.49 -3.48 18.25
C ASN A 62 -2.70 -2.34 19.18
N ASN A 63 -2.30 -1.15 18.74
CA ASN A 63 -2.35 -0.06 19.69
C ASN A 63 -3.79 0.36 20.04
N TRP A 64 -4.75 -0.03 19.20
CA TRP A 64 -6.17 0.18 19.50
C TRP A 64 -6.87 -1.07 19.94
N GLY A 65 -6.13 -2.13 20.15
CA GLY A 65 -6.79 -3.42 20.51
C GLY A 65 -7.35 -4.17 19.31
N GLN A 66 -6.95 -3.78 18.09
CA GLN A 66 -7.52 -4.40 16.85
C GLN A 66 -7.19 -5.87 16.61
N LEU A 67 -6.24 -6.42 17.36
CA LEU A 67 -5.93 -7.85 17.18
C LEU A 67 -6.91 -8.72 18.00
N GLY A 68 -7.60 -8.13 19.00
CA GLY A 68 -8.64 -8.88 19.71
C GLY A 68 -7.96 -9.81 20.72
N LEU A 69 -6.70 -9.55 21.03
CA LEU A 69 -5.96 -10.46 21.87
C LEU A 69 -5.83 -9.94 23.30
N GLY A 70 -6.58 -8.90 23.67
CA GLY A 70 -6.69 -8.52 25.08
C GLY A 70 -5.54 -7.74 25.66
N SER A 71 -4.91 -6.94 24.84
CA SER A 71 -3.85 -6.07 25.33
C SER A 71 -3.77 -5.07 24.23
N LYS A 72 -2.81 -4.14 24.37
CA LYS A 72 -2.55 -3.12 23.39
C LYS A 72 -1.09 -3.06 22.94
N SER A 73 -0.33 -4.16 23.06
CA SER A 73 1.07 -4.23 22.51
C SER A 73 1.20 -5.01 21.20
N ALA A 74 1.97 -4.50 20.19
CA ALA A 74 2.06 -5.08 18.82
C ALA A 74 2.46 -6.54 18.98
N ILE A 75 2.14 -7.37 18.00
CA ILE A 75 2.37 -8.77 18.18
C ILE A 75 3.12 -9.08 16.90
N SER A 76 4.28 -9.71 17.11
CA SER A 76 5.18 -10.05 16.01
C SER A 76 4.67 -11.21 15.14
N LYS A 77 4.12 -12.23 15.78
CA LYS A 77 3.86 -13.51 15.13
C LYS A 77 2.34 -13.60 14.90
N PRO A 78 1.93 -14.22 13.78
CA PRO A 78 0.51 -14.61 13.69
C PRO A 78 0.03 -15.41 14.93
N THR A 79 -1.05 -14.97 15.59
CA THR A 79 -1.40 -15.52 16.91
C THR A 79 -2.86 -15.87 16.87
N CYS A 80 -3.16 -17.12 17.25
CA CYS A 80 -4.51 -17.63 17.18
C CYS A 80 -5.38 -16.84 18.19
N VAL A 81 -6.59 -16.43 17.80
CA VAL A 81 -7.52 -15.85 18.75
C VAL A 81 -8.28 -17.04 19.47
N LYS A 82 -7.71 -17.47 20.58
CA LYS A 82 -8.17 -18.71 21.19
C LYS A 82 -9.57 -18.57 21.75
N ALA A 83 -9.96 -17.34 22.06
CA ALA A 83 -11.34 -17.04 22.57
C ALA A 83 -12.39 -17.49 21.62
N LEU A 84 -12.07 -17.50 20.32
CA LEU A 84 -13.01 -17.90 19.30
C LEU A 84 -12.89 -19.37 18.88
N LYS A 85 -12.01 -20.13 19.51
CA LYS A 85 -11.85 -21.52 19.09
C LYS A 85 -13.12 -22.39 19.10
N PRO A 86 -14.05 -22.16 20.07
CA PRO A 86 -15.29 -22.95 20.02
C PRO A 86 -16.19 -22.68 18.78
N GLU A 87 -16.01 -21.56 18.12
CA GLU A 87 -16.77 -21.22 16.90
C GLU A 87 -15.99 -21.46 15.63
N LYS A 88 -16.72 -21.54 14.51
CA LYS A 88 -16.10 -21.79 13.22
C LYS A 88 -15.96 -20.43 12.55
N VAL A 89 -14.82 -19.79 12.72
CA VAL A 89 -14.58 -18.50 12.06
C VAL A 89 -14.52 -18.69 10.57
N LYS A 90 -15.22 -17.83 9.81
CA LYS A 90 -15.31 -18.00 8.35
C LYS A 90 -14.69 -16.81 7.57
N LEU A 91 -14.88 -15.62 8.09
CA LEU A 91 -14.42 -14.35 7.43
C LEU A 91 -13.90 -13.41 8.48
N ALA A 92 -12.95 -12.57 8.07
CA ALA A 92 -12.56 -11.39 8.84
C ALA A 92 -12.39 -10.21 7.84
N ALA A 93 -12.48 -8.99 8.39
CA ALA A 93 -12.06 -7.79 7.68
C ALA A 93 -11.32 -6.90 8.65
N CYS A 94 -10.29 -6.21 8.12
CA CYS A 94 -9.42 -5.35 8.92
C CYS A 94 -9.57 -3.95 8.36
N GLY A 95 -9.98 -2.99 9.21
CA GLY A 95 -10.05 -1.54 8.82
C GLY A 95 -8.83 -0.81 9.29
N ARG A 96 -8.99 0.49 9.45
CA ARG A 96 -7.76 1.26 9.90
C ARG A 96 -7.34 0.87 11.34
N ASN A 97 -8.33 0.79 12.28
CA ASN A 97 -7.99 0.45 13.66
C ASN A 97 -8.95 -0.52 14.30
N HIS A 98 -9.64 -1.29 13.46
CA HIS A 98 -10.64 -2.29 13.99
C HIS A 98 -10.68 -3.53 13.13
N THR A 99 -11.36 -4.58 13.64
CA THR A 99 -11.43 -5.86 12.89
C THR A 99 -12.81 -6.40 13.08
N LEU A 100 -13.39 -6.96 12.04
CA LEU A 100 -14.69 -7.66 12.10
C LEU A 100 -14.47 -9.14 11.83
N VAL A 101 -15.26 -10.01 12.46
CA VAL A 101 -15.12 -11.45 12.26
CA VAL A 101 -15.16 -11.43 12.15
C VAL A 101 -16.53 -12.01 12.12
N SER A 102 -16.74 -12.96 11.22
CA SER A 102 -18.04 -13.64 11.08
C SER A 102 -17.81 -15.19 11.39
N THR A 103 -18.79 -15.83 12.03
CA THR A 103 -18.70 -17.25 12.31
C THR A 103 -19.86 -18.02 11.67
N GLU A 104 -19.65 -19.33 11.37
CA GLU A 104 -20.69 -20.09 10.74
C GLU A 104 -21.92 -20.19 11.61
N GLY A 105 -21.79 -20.26 12.94
CA GLY A 105 -22.96 -20.24 13.79
C GLY A 105 -23.93 -19.04 13.67
N GLY A 106 -23.49 -17.95 13.07
CA GLY A 106 -24.38 -16.85 12.87
C GLY A 106 -23.98 -15.60 13.65
N ASN A 107 -22.79 -15.55 14.24
CA ASN A 107 -22.46 -14.42 15.11
C ASN A 107 -21.45 -13.58 14.34
N VAL A 108 -21.48 -12.26 14.53
CA VAL A 108 -20.45 -11.39 13.99
C VAL A 108 -19.86 -10.65 15.25
N TYR A 109 -18.54 -10.52 15.31
CA TYR A 109 -17.86 -9.87 16.44
C TYR A 109 -16.93 -8.77 15.89
N ALA A 110 -16.55 -7.83 16.79
CA ALA A 110 -15.64 -6.77 16.40
C ALA A 110 -14.77 -6.39 17.55
N THR A 111 -13.59 -5.83 17.23
CA THR A 111 -12.70 -5.33 18.29
C THR A 111 -11.91 -4.16 17.77
N GLY A 112 -11.36 -3.35 18.67
CA GLY A 112 -10.46 -2.27 18.23
C GLY A 112 -11.04 -0.91 18.49
N GLY A 113 -10.65 0.07 17.67
CA GLY A 113 -11.08 1.46 17.85
C GLY A 113 -12.56 1.58 17.56
N ASN A 114 -13.19 2.56 18.21
CA ASN A 114 -14.66 2.62 18.12
C ASN A 114 -15.19 4.06 18.08
N ASN A 115 -14.33 4.99 17.67
CA ASN A 115 -14.63 6.42 17.94
C ASN A 115 -15.82 6.87 17.14
N GLU A 116 -16.11 6.24 16.01
CA GLU A 116 -17.28 6.58 15.24
C GLU A 116 -18.30 5.47 15.27
N GLY A 117 -18.19 4.52 16.22
CA GLY A 117 -19.24 3.49 16.24
C GLY A 117 -18.94 2.30 15.33
N GLN A 118 -17.70 2.17 14.81
CA GLN A 118 -17.43 1.11 13.81
C GLN A 118 -17.48 -0.32 14.35
N LEU A 119 -17.42 -0.50 15.67
CA LEU A 119 -17.53 -1.87 16.26
C LEU A 119 -19.00 -2.35 16.20
N GLY A 120 -19.97 -1.43 16.06
CA GLY A 120 -21.38 -1.87 15.95
C GLY A 120 -21.97 -2.30 17.28
N LEU A 121 -21.40 -1.81 18.38
CA LEU A 121 -21.75 -2.28 19.74
C LEU A 121 -22.73 -1.28 20.40
N GLY A 122 -23.08 -0.17 19.74
CA GLY A 122 -24.04 0.72 20.36
C GLY A 122 -23.37 1.83 21.18
N ASP A 123 -22.05 1.88 21.23
CA ASP A 123 -21.35 2.93 21.98
C ASP A 123 -20.13 3.34 21.16
N THR A 124 -19.27 4.17 21.76
CA THR A 124 -18.07 4.52 21.05
C THR A 124 -16.79 4.20 21.85
N GLU A 125 -16.82 3.18 22.74
CA GLU A 125 -15.66 2.84 23.60
C GLU A 125 -14.85 1.80 22.89
N GLU A 126 -13.54 2.00 22.89
CA GLU A 126 -12.67 1.00 22.20
C GLU A 126 -12.73 -0.36 22.94
N ARG A 127 -12.47 -1.47 22.24
CA ARG A 127 -12.45 -2.81 22.86
C ARG A 127 -11.11 -3.47 22.46
N ASN A 128 -10.54 -4.31 23.30
CA ASN A 128 -9.33 -5.01 22.84
C ASN A 128 -9.51 -6.50 22.83
N THR A 129 -10.78 -6.93 22.95
CA THR A 129 -11.10 -8.32 22.67
C THR A 129 -12.34 -8.31 21.84
N PHE A 130 -12.66 -9.45 21.22
CA PHE A 130 -13.87 -9.53 20.32
C PHE A 130 -15.20 -9.46 21.05
N HIS A 131 -16.10 -8.54 20.64
CA HIS A 131 -17.40 -8.41 21.25
C HIS A 131 -18.41 -8.70 20.22
N VAL A 132 -19.56 -9.22 20.61
CA VAL A 132 -20.56 -9.65 19.64
C VAL A 132 -21.41 -8.46 19.22
N ILE A 133 -21.72 -8.39 17.94
CA ILE A 133 -22.68 -7.41 17.39
C ILE A 133 -24.05 -8.11 17.35
N SER A 134 -24.91 -7.87 18.33
CA SER A 134 -25.97 -8.86 18.47
C SER A 134 -27.12 -8.67 17.48
N PHE A 135 -27.06 -7.62 16.67
CA PHE A 135 -27.90 -7.53 15.46
C PHE A 135 -27.85 -8.78 14.54
N PHE A 136 -26.66 -9.35 14.33
CA PHE A 136 -26.53 -10.45 13.40
C PHE A 136 -26.82 -11.79 14.05
N THR A 137 -27.60 -12.60 13.35
CA THR A 137 -28.01 -13.91 13.88
C THR A 137 -27.83 -14.93 12.77
N SER A 138 -28.24 -16.18 13.03
CA SER A 138 -28.08 -17.18 11.99
C SER A 138 -28.94 -16.89 10.74
N GLU A 139 -29.91 -15.98 10.81
CA GLU A 139 -30.66 -15.61 9.60
C GLU A 139 -29.83 -14.70 8.67
N HIS A 140 -28.67 -14.23 9.14
CA HIS A 140 -27.77 -13.41 8.27
C HIS A 140 -26.64 -14.33 7.87
N LYS A 141 -26.71 -14.89 6.65
CA LYS A 141 -25.63 -15.72 6.18
C LYS A 141 -24.62 -14.76 5.54
N ILE A 142 -23.47 -14.57 6.18
CA ILE A 142 -22.59 -13.52 5.75
C ILE A 142 -21.74 -13.98 4.57
N LYS A 143 -21.81 -13.30 3.43
CA LYS A 143 -20.96 -13.62 2.28
C LYS A 143 -19.61 -12.88 2.37
N GLN A 144 -19.61 -11.63 2.82
CA GLN A 144 -18.39 -10.80 2.81
C GLN A 144 -18.47 -9.79 3.93
N LEU A 145 -17.32 -9.50 4.56
CA LEU A 145 -17.17 -8.42 5.53
C LEU A 145 -16.24 -7.39 4.82
N SER A 146 -16.37 -6.11 5.22
CA SER A 146 -15.36 -5.11 4.74
C SER A 146 -15.22 -4.03 5.82
N ALA A 147 -14.09 -3.31 5.83
CA ALA A 147 -13.86 -2.33 6.90
C ALA A 147 -12.89 -1.33 6.36
N GLY A 148 -13.19 -0.04 6.48
CA GLY A 148 -12.30 1.03 5.99
C GLY A 148 -11.89 1.84 7.25
N SER A 149 -11.71 3.15 7.07
CA SER A 149 -11.26 3.98 8.19
C SER A 149 -12.51 4.38 9.06
N ASN A 150 -12.67 3.66 10.16
CA ASN A 150 -13.84 3.87 11.09
C ASN A 150 -15.15 3.42 10.46
N THR A 151 -15.07 2.55 9.43
CA THR A 151 -16.32 2.10 8.76
C THR A 151 -16.35 0.57 8.69
N SER A 152 -17.56 0.00 8.62
CA SER A 152 -17.75 -1.44 8.63
C SER A 152 -18.87 -1.82 7.69
N ALA A 153 -18.81 -3.02 7.16
CA ALA A 153 -19.88 -3.50 6.26
C ALA A 153 -19.98 -5.02 6.41
N ALA A 154 -21.19 -5.54 6.35
CA ALA A 154 -21.38 -7.03 6.23
C ALA A 154 -22.42 -7.26 5.13
N LEU A 155 -22.12 -8.18 4.23
CA LEU A 155 -23.01 -8.42 3.06
C LEU A 155 -23.52 -9.85 3.18
N THR A 156 -24.85 -10.05 3.14
CA THR A 156 -25.38 -11.43 3.25
C THR A 156 -25.48 -12.15 1.91
N GLU A 157 -25.62 -13.46 2.00
CA GLU A 157 -25.71 -14.29 0.80
C GLU A 157 -26.95 -13.93 0.01
N ASP A 158 -28.02 -13.52 0.68
CA ASP A 158 -29.24 -13.19 -0.07
C ASP A 158 -29.19 -11.71 -0.57
N GLY A 159 -28.06 -11.04 -0.40
CA GLY A 159 -27.86 -9.76 -1.08
C GLY A 159 -28.15 -8.50 -0.26
N ARG A 160 -28.30 -8.62 1.06
CA ARG A 160 -28.48 -7.44 1.92
C ARG A 160 -27.15 -6.94 2.43
N LEU A 161 -27.02 -5.64 2.46
CA LEU A 161 -25.78 -4.97 2.81
C LEU A 161 -26.07 -4.11 4.05
N PHE A 162 -25.23 -4.26 5.08
CA PHE A 162 -25.41 -3.51 6.32
C PHE A 162 -24.10 -2.76 6.51
N MET A 163 -24.15 -1.49 6.92
CA MET A 163 -22.93 -0.72 7.14
C MET A 163 -23.10 0.07 8.43
N TRP A 164 -21.98 0.47 9.04
CA TRP A 164 -22.03 1.20 10.31
C TRP A 164 -20.66 1.87 10.55
N GLY A 165 -20.61 2.78 11.51
CA GLY A 165 -19.42 3.57 11.80
C GLY A 165 -19.60 4.97 11.15
N ASP A 166 -18.51 5.44 10.58
CA ASP A 166 -18.43 6.87 10.25
C ASP A 166 -19.17 7.11 8.95
N ASN A 167 -20.01 8.14 8.95
CA ASN A 167 -20.66 8.60 7.70
C ASN A 167 -20.35 10.07 7.48
N SER A 168 -19.20 10.55 8.00
CA SER A 168 -18.95 12.02 8.02
C SER A 168 -18.85 12.56 6.55
N GLU A 169 -18.50 11.67 5.59
CA GLU A 169 -18.36 12.10 4.17
C GLU A 169 -19.38 11.32 3.24
N GLY A 170 -20.36 10.67 3.86
CA GLY A 170 -21.28 9.76 3.11
C GLY A 170 -20.75 8.38 2.83
N GLN A 171 -19.66 7.99 3.51
CA GLN A 171 -19.03 6.76 3.10
C GLN A 171 -19.66 5.47 3.54
N ILE A 172 -20.73 5.49 4.32
CA ILE A 172 -21.55 4.31 4.53
C ILE A 172 -22.93 4.54 3.92
N GLY A 173 -23.05 5.60 3.11
CA GLY A 173 -24.27 5.72 2.22
C GLY A 173 -25.50 6.01 3.03
N LEU A 174 -25.33 6.65 4.21
CA LEU A 174 -26.50 6.98 5.11
C LEU A 174 -26.87 8.46 5.10
N LYS A 175 -26.65 9.11 3.98
CA LYS A 175 -27.12 10.49 3.77
C LYS A 175 -26.59 11.42 4.82
N ASN A 176 -27.46 12.23 5.45
CA ASN A 176 -26.90 13.26 6.33
C ASN A 176 -26.60 12.80 7.76
N VAL A 177 -26.89 11.55 8.11
CA VAL A 177 -26.49 11.04 9.43
C VAL A 177 -24.94 11.09 9.63
N SER A 178 -24.47 11.53 10.79
CA SER A 178 -23.01 11.72 10.93
C SER A 178 -22.25 10.38 11.07
N ASN A 179 -22.88 9.41 11.74
CA ASN A 179 -22.27 8.11 12.03
C ASN A 179 -23.39 7.25 12.66
N VAL A 180 -23.24 5.93 12.65
CA VAL A 180 -24.13 5.06 13.45
C VAL A 180 -23.32 4.02 14.18
N CYS A 181 -23.80 3.63 15.37
CA CYS A 181 -23.02 2.70 16.23
C CYS A 181 -23.63 1.31 16.21
N VAL A 182 -24.62 1.05 15.37
CA VAL A 182 -25.15 -0.35 15.22
C VAL A 182 -25.42 -0.50 13.72
N PRO A 183 -25.44 -1.75 13.23
CA PRO A 183 -25.65 -1.95 11.77
C PRO A 183 -26.93 -1.32 11.20
N GLN A 184 -26.85 -0.74 10.02
CA GLN A 184 -28.03 -0.21 9.36
C GLN A 184 -28.03 -0.77 7.94
N GLN A 185 -29.18 -1.21 7.45
CA GLN A 185 -29.19 -1.71 6.05
C GLN A 185 -29.12 -0.55 5.06
N VAL A 186 -28.22 -0.65 4.10
CA VAL A 186 -27.92 0.35 3.13
C VAL A 186 -28.46 -0.37 1.95
N THR A 187 -29.58 0.10 1.47
CA THR A 187 -30.16 -0.56 0.31
C THR A 187 -30.45 0.49 -0.75
N ILE A 188 -30.24 0.16 -2.02
CA ILE A 188 -30.75 0.94 -3.07
C ILE A 188 -31.86 0.09 -3.70
N GLY A 189 -32.30 -0.99 -3.02
CA GLY A 189 -33.48 -1.79 -3.51
C GLY A 189 -33.13 -2.87 -4.55
N LYS A 190 -31.87 -3.34 -4.52
CA LYS A 190 -31.42 -4.39 -5.41
C LYS A 190 -30.41 -5.23 -4.65
N PRO A 191 -30.39 -6.52 -4.91
CA PRO A 191 -29.46 -7.35 -4.15
C PRO A 191 -28.00 -6.99 -4.54
N VAL A 192 -27.11 -7.04 -3.57
CA VAL A 192 -25.71 -6.68 -3.71
C VAL A 192 -24.85 -7.93 -3.70
N SER A 193 -23.86 -7.99 -4.60
CA SER A 193 -22.99 -9.22 -4.66
C SER A 193 -21.56 -8.94 -4.21
N TRP A 194 -21.16 -7.67 -4.05
CA TRP A 194 -19.76 -7.38 -3.61
C TRP A 194 -19.73 -6.04 -2.93
N VAL A 195 -18.89 -5.86 -1.93
CA VAL A 195 -18.78 -4.50 -1.30
C VAL A 195 -17.32 -4.29 -0.94
N SER A 196 -16.90 -3.03 -0.95
CA SER A 196 -15.53 -2.66 -0.52
C SER A 196 -15.57 -1.32 0.19
N CYS A 197 -15.14 -1.32 1.47
CA CYS A 197 -14.95 -0.08 2.20
C CYS A 197 -13.50 0.42 2.03
N GLY A 198 -13.33 1.55 1.36
CA GLY A 198 -11.99 2.24 1.24
C GLY A 198 -11.77 3.12 2.44
N TYR A 199 -10.72 3.95 2.41
CA TYR A 199 -10.47 4.75 3.64
C TYR A 199 -11.60 5.74 3.90
N TYR A 200 -12.02 6.51 2.88
CA TYR A 200 -12.98 7.60 3.11
C TYR A 200 -14.09 7.51 2.09
N HIS A 201 -14.15 6.40 1.36
CA HIS A 201 -15.25 6.13 0.44
C HIS A 201 -15.50 4.62 0.34
N SER A 202 -16.64 4.21 -0.19
CA SER A 202 -16.96 2.81 -0.34
C SER A 202 -17.71 2.60 -1.62
N ALA A 203 -17.90 1.33 -1.97
CA ALA A 203 -18.58 1.04 -3.21
C ALA A 203 -19.20 -0.37 -3.10
N PHE A 204 -20.24 -0.65 -3.87
CA PHE A 204 -20.69 -2.03 -3.97
C PHE A 204 -21.16 -2.35 -5.40
N VAL A 205 -21.30 -3.66 -5.70
CA VAL A 205 -21.65 -4.16 -7.03
C VAL A 205 -22.93 -4.94 -6.78
N THR A 206 -23.94 -4.72 -7.63
CA THR A 206 -25.23 -5.39 -7.46
C THR A 206 -25.12 -6.69 -8.19
N THR A 207 -26.02 -7.63 -7.88
CA THR A 207 -25.96 -8.93 -8.55
C THR A 207 -26.20 -8.78 -10.03
N ASP A 208 -26.94 -7.75 -10.46
CA ASP A 208 -27.10 -7.56 -11.92
C ASP A 208 -25.96 -6.75 -12.60
N GLY A 209 -24.86 -6.54 -11.90
CA GLY A 209 -23.62 -6.04 -12.57
C GLY A 209 -23.44 -4.52 -12.53
N GLU A 210 -24.16 -3.82 -11.64
CA GLU A 210 -24.02 -2.35 -11.59
C GLU A 210 -23.10 -1.97 -10.45
N LEU A 211 -22.32 -0.92 -10.67
CA LEU A 211 -21.41 -0.38 -9.64
C LEU A 211 -21.98 0.88 -9.03
N TYR A 212 -22.08 0.93 -7.71
CA TYR A 212 -22.51 2.16 -6.96
C TYR A 212 -21.37 2.62 -6.06
N VAL A 213 -21.16 3.93 -5.98
CA VAL A 213 -20.02 4.50 -5.24
CA VAL A 213 -20.02 4.46 -5.22
C VAL A 213 -20.56 5.65 -4.38
N PHE A 214 -19.94 5.89 -3.22
CA PHE A 214 -20.40 6.92 -2.31
C PHE A 214 -19.28 7.26 -1.32
N GLY A 215 -19.31 8.48 -0.77
CA GLY A 215 -18.25 8.85 0.18
C GLY A 215 -17.62 10.15 -0.20
N GLU A 216 -16.38 10.33 0.23
CA GLU A 216 -15.75 11.64 0.13
C GLU A 216 -15.60 12.00 -1.36
N PRO A 217 -16.09 13.18 -1.75
CA PRO A 217 -16.13 13.45 -3.22
C PRO A 217 -14.86 14.18 -3.66
N GLU A 218 -13.68 13.64 -3.28
CA GLU A 218 -12.41 14.33 -3.57
C GLU A 218 -11.52 13.39 -4.44
N ASN A 219 -10.63 13.97 -5.25
CA ASN A 219 -9.60 13.20 -5.93
C ASN A 219 -10.11 12.29 -7.07
N GLY A 220 -11.40 12.40 -7.44
CA GLY A 220 -11.97 11.62 -8.55
C GLY A 220 -12.35 10.20 -8.20
N LYS A 221 -12.15 9.82 -6.93
CA LYS A 221 -12.27 8.42 -6.59
C LYS A 221 -13.66 7.85 -6.54
N LEU A 222 -14.70 8.69 -6.69
CA LEU A 222 -16.01 8.08 -6.75
C LEU A 222 -16.32 7.75 -8.20
N GLY A 223 -15.56 8.29 -9.15
CA GLY A 223 -15.68 7.85 -10.52
C GLY A 223 -16.90 8.46 -11.20
N LEU A 224 -17.52 9.48 -10.57
CA LEU A 224 -18.78 10.03 -11.12
C LEU A 224 -18.53 11.34 -11.86
N PRO A 225 -19.38 11.66 -12.84
CA PRO A 225 -19.30 12.95 -13.47
C PRO A 225 -19.53 14.03 -12.44
N ASN A 226 -18.92 15.17 -12.71
CA ASN A 226 -19.01 16.30 -11.78
C ASN A 226 -20.39 16.66 -11.24
N GLN A 227 -21.42 16.62 -12.09
CA GLN A 227 -22.79 17.04 -11.69
C GLN A 227 -23.43 16.12 -10.66
N LEU A 228 -22.86 14.96 -10.43
CA LEU A 228 -23.43 14.07 -9.45
C LEU A 228 -22.65 14.10 -8.11
N LEU A 229 -21.56 14.86 -8.00
CA LEU A 229 -20.71 14.72 -6.82
C LEU A 229 -21.41 15.33 -5.59
N GLY A 230 -22.37 16.20 -5.84
CA GLY A 230 -23.13 16.81 -4.73
C GLY A 230 -23.92 15.79 -3.95
N ASN A 231 -24.30 14.68 -4.58
CA ASN A 231 -25.12 13.67 -3.93
C ASN A 231 -24.27 12.46 -3.41
N HIS A 232 -23.00 12.72 -3.10
CA HIS A 232 -22.01 11.68 -2.63
C HIS A 232 -22.36 10.93 -1.38
N ARG A 233 -23.39 11.40 -0.63
CA ARG A 233 -23.79 10.69 0.59
C ARG A 233 -24.83 9.60 0.38
N THR A 234 -25.27 9.41 -0.85
CA THR A 234 -26.20 8.31 -1.21
C THR A 234 -25.48 7.46 -2.28
N PRO A 235 -25.68 6.13 -2.29
CA PRO A 235 -24.95 5.36 -3.30
C PRO A 235 -25.42 5.79 -4.69
N GLN A 236 -24.49 6.00 -5.63
CA GLN A 236 -24.89 6.40 -6.98
C GLN A 236 -24.20 5.51 -8.03
N LEU A 237 -24.98 5.22 -9.07
CA LEU A 237 -24.56 4.36 -10.20
C LEU A 237 -23.44 5.00 -11.01
N VAL A 238 -22.38 4.23 -11.26
CA VAL A 238 -21.28 4.67 -12.17
C VAL A 238 -21.71 4.12 -13.55
N SER A 239 -22.37 4.94 -14.36
CA SER A 239 -22.91 4.38 -15.59
C SER A 239 -21.90 4.37 -16.73
N GLU A 240 -20.74 5.01 -16.56
CA GLU A 240 -19.71 5.04 -17.60
C GLU A 240 -19.03 3.70 -17.87
N ILE A 241 -19.21 2.71 -16.99
CA ILE A 241 -18.74 1.38 -17.31
C ILE A 241 -19.93 0.65 -18.00
N PRO A 242 -19.81 0.31 -19.28
CA PRO A 242 -21.00 -0.25 -19.96
C PRO A 242 -21.32 -1.72 -19.58
N GLU A 243 -20.28 -2.56 -19.49
CA GLU A 243 -20.46 -3.97 -19.25
C GLU A 243 -20.62 -4.28 -17.76
N LYS A 244 -20.99 -5.51 -17.46
CA LYS A 244 -21.30 -5.97 -16.14
C LYS A 244 -20.06 -5.95 -15.22
N VAL A 245 -20.24 -5.31 -14.09
CA VAL A 245 -19.13 -5.22 -13.11
C VAL A 245 -19.25 -6.48 -12.21
N ILE A 246 -18.12 -6.98 -11.75
CA ILE A 246 -18.06 -8.19 -10.96
C ILE A 246 -17.44 -7.90 -9.59
N GLN A 247 -16.33 -7.16 -9.52
CA GLN A 247 -15.81 -6.78 -8.20
C GLN A 247 -15.43 -5.31 -8.18
N VAL A 248 -15.17 -4.83 -6.97
CA VAL A 248 -14.69 -3.44 -6.72
C VAL A 248 -13.79 -3.54 -5.50
N ALA A 249 -12.70 -2.77 -5.50
CA ALA A 249 -11.92 -2.65 -4.30
C ALA A 249 -11.53 -1.15 -4.17
N CYS A 250 -11.61 -0.65 -2.94
CA CYS A 250 -11.43 0.77 -2.73
C CYS A 250 -10.20 0.97 -1.89
N GLY A 251 -9.35 1.97 -2.22
CA GLY A 251 -8.14 2.20 -1.40
C GLY A 251 -8.23 3.54 -0.68
N GLY A 252 -7.06 4.20 -0.56
CA GLY A 252 -6.91 5.50 0.21
C GLY A 252 -7.59 6.56 -0.68
N GLU A 253 -7.07 6.73 -1.89
CA GLU A 253 -7.63 7.75 -2.80
C GLU A 253 -7.92 7.21 -4.18
N HIS A 254 -8.06 5.90 -4.29
CA HIS A 254 -8.36 5.28 -5.60
C HIS A 254 -9.36 4.12 -5.47
N THR A 255 -9.90 3.68 -6.62
CA THR A 255 -10.85 2.59 -6.68
C THR A 255 -10.42 1.76 -7.92
N VAL A 256 -10.65 0.45 -7.86
CA VAL A 256 -10.21 -0.49 -8.88
C VAL A 256 -11.47 -1.34 -9.09
N VAL A 257 -11.81 -1.63 -10.36
CA VAL A 257 -13.05 -2.29 -10.69
C VAL A 257 -12.75 -3.43 -11.67
N LEU A 258 -13.34 -4.60 -11.43
CA LEU A 258 -13.11 -5.78 -12.31
C LEU A 258 -14.40 -6.01 -13.01
N THR A 259 -14.36 -5.96 -14.35
CA THR A 259 -15.54 -6.36 -15.15
C THR A 259 -15.30 -7.71 -15.85
N GLU A 260 -16.32 -8.18 -16.58
CA GLU A 260 -16.12 -9.37 -17.39
C GLU A 260 -15.03 -9.10 -18.41
N ASN A 261 -15.02 -7.87 -18.97
CA ASN A 261 -14.04 -7.43 -20.02
C ASN A 261 -12.63 -6.91 -19.58
N ALA A 262 -12.52 -6.21 -18.44
CA ALA A 262 -11.30 -5.39 -18.21
C ALA A 262 -11.16 -5.03 -16.73
N VAL A 263 -10.09 -4.34 -16.39
CA VAL A 263 -9.92 -3.75 -15.08
C VAL A 263 -9.92 -2.27 -15.30
N TYR A 264 -10.67 -1.53 -14.48
CA TYR A 264 -10.68 -0.07 -14.63
C TYR A 264 -10.25 0.53 -13.35
N THR A 265 -9.66 1.74 -13.37
CA THR A 265 -9.28 2.40 -12.12
C THR A 265 -9.72 3.90 -12.22
N PHE A 266 -9.81 4.59 -11.07
CA PHE A 266 -10.09 6.02 -11.09
C PHE A 266 -9.76 6.53 -9.70
N GLY A 267 -9.59 7.84 -9.59
CA GLY A 267 -9.15 8.50 -8.36
C GLY A 267 -7.72 9.05 -8.60
N LEU A 268 -6.92 9.00 -7.55
CA LEU A 268 -5.64 9.67 -7.64
C LEU A 268 -4.62 8.60 -7.53
N GLY A 269 -3.68 8.58 -8.44
CA GLY A 269 -2.54 7.65 -8.36
C GLY A 269 -1.16 8.26 -8.47
N GLN A 270 -0.82 9.07 -7.43
CA GLN A 270 0.48 9.79 -7.43
CA GLN A 270 0.47 9.76 -7.30
C GLN A 270 1.63 8.78 -7.30
N PHE A 271 1.33 7.56 -6.75
CA PHE A 271 2.39 6.57 -6.54
C PHE A 271 2.30 5.41 -7.56
N GLY A 272 1.42 5.58 -8.56
CA GLY A 272 1.33 4.44 -9.57
C GLY A 272 0.13 3.49 -9.38
N GLN A 273 -0.77 3.80 -8.41
CA GLN A 273 -1.73 2.80 -7.98
C GLN A 273 -2.89 2.75 -8.95
N LEU A 274 -2.98 3.71 -9.90
CA LEU A 274 -4.01 3.54 -10.93
C LEU A 274 -3.50 2.66 -12.04
N GLY A 275 -2.15 2.47 -12.12
CA GLY A 275 -1.54 1.56 -13.16
C GLY A 275 -1.77 2.06 -14.57
N LEU A 276 -1.84 3.40 -14.74
CA LEU A 276 -2.11 3.99 -16.07
C LEU A 276 -0.85 4.60 -16.65
N GLY A 277 0.33 4.29 -16.06
CA GLY A 277 1.61 4.70 -16.77
C GLY A 277 2.21 5.94 -16.06
N THR A 278 3.33 6.43 -16.60
CA THR A 278 4.06 7.48 -15.86
C THR A 278 3.69 8.91 -16.19
N PHE A 279 2.59 9.13 -16.96
CA PHE A 279 2.12 10.46 -17.31
C PHE A 279 0.75 10.78 -16.70
N LEU A 280 -0.04 9.79 -16.32
CA LEU A 280 -1.43 10.15 -15.97
C LEU A 280 -1.55 9.70 -14.49
N PHE A 281 -1.71 10.64 -13.59
CA PHE A 281 -1.73 10.30 -12.15
C PHE A 281 -3.14 10.43 -11.53
N GLU A 282 -4.12 10.85 -12.30
CA GLU A 282 -5.46 11.06 -11.69
C GLU A 282 -6.44 10.88 -12.77
N THR A 283 -7.64 10.34 -12.47
CA THR A 283 -8.71 10.39 -13.46
C THR A 283 -10.03 10.42 -12.69
N SER A 284 -10.96 11.29 -13.05
CA SER A 284 -12.22 11.32 -12.23
C SER A 284 -13.28 10.40 -12.83
N GLU A 285 -12.99 9.86 -14.02
N GLU A 285 -13.05 9.85 -14.01
CA GLU A 285 -13.89 8.86 -14.61
CA GLU A 285 -14.00 8.84 -14.44
C GLU A 285 -13.10 7.57 -14.83
C GLU A 285 -13.18 7.60 -14.86
N PRO A 286 -13.81 6.39 -14.88
CA PRO A 286 -13.11 5.11 -15.00
C PRO A 286 -12.26 5.04 -16.26
N LYS A 287 -11.05 4.55 -16.16
CA LYS A 287 -10.23 4.32 -17.37
C LYS A 287 -9.75 2.88 -17.31
N VAL A 288 -9.62 2.24 -18.46
CA VAL A 288 -9.20 0.85 -18.52
C VAL A 288 -7.69 0.78 -18.36
N ILE A 289 -7.23 -0.18 -17.59
CA ILE A 289 -5.82 -0.43 -17.63
C ILE A 289 -5.50 -1.22 -18.95
N GLU A 290 -5.09 -0.52 -19.98
CA GLU A 290 -4.81 -1.15 -21.30
C GLU A 290 -3.65 -2.11 -21.20
N ASN A 291 -2.79 -1.80 -20.24
CA ASN A 291 -1.53 -2.47 -19.97
CA ASN A 291 -1.54 -2.52 -20.13
C ASN A 291 -1.67 -4.01 -19.80
N ILE A 292 -2.76 -4.46 -19.13
CA ILE A 292 -2.99 -5.91 -18.83
C ILE A 292 -4.22 -6.47 -19.55
N ARG A 293 -4.58 -5.87 -20.66
CA ARG A 293 -5.78 -6.32 -21.34
C ARG A 293 -5.69 -7.75 -21.88
N ASP A 294 -4.49 -8.29 -22.01
CA ASP A 294 -4.31 -9.69 -22.49
C ASP A 294 -4.40 -10.72 -21.37
N GLN A 295 -4.46 -10.30 -20.10
CA GLN A 295 -4.60 -11.31 -19.01
C GLN A 295 -6.06 -11.39 -18.55
N THR A 296 -6.51 -12.58 -18.17
CA THR A 296 -7.79 -12.65 -17.42
C THR A 296 -7.57 -12.53 -15.91
N ILE A 297 -8.07 -11.46 -15.38
CA ILE A 297 -7.94 -11.17 -13.97
C ILE A 297 -9.13 -11.78 -13.22
N SER A 298 -8.86 -12.49 -12.15
CA SER A 298 -9.93 -13.14 -11.40
CA SER A 298 -9.93 -13.13 -11.38
C SER A 298 -10.16 -12.49 -10.06
N TYR A 299 -9.20 -11.68 -9.62
CA TYR A 299 -9.31 -11.10 -8.23
C TYR A 299 -8.58 -9.78 -8.11
N ILE A 300 -9.18 -8.78 -7.44
CA ILE A 300 -8.54 -7.48 -7.31
C ILE A 300 -8.47 -7.15 -5.83
N SER A 301 -7.41 -6.46 -5.45
CA SER A 301 -7.24 -6.07 -4.04
C SER A 301 -6.56 -4.69 -4.02
N CYS A 302 -6.86 -3.86 -3.06
CA CYS A 302 -6.22 -2.49 -2.92
CA CYS A 302 -5.99 -2.69 -2.97
C CYS A 302 -5.71 -2.29 -1.54
N GLY A 303 -4.52 -1.69 -1.34
CA GLY A 303 -4.17 -1.20 0.00
C GLY A 303 -4.41 0.31 -0.02
N GLU A 304 -3.90 1.02 0.96
CA GLU A 304 -4.06 2.44 1.00
C GLU A 304 -3.55 3.03 -0.34
N ASN A 305 -2.34 2.61 -0.79
CA ASN A 305 -1.68 3.32 -1.94
C ASN A 305 -1.06 2.32 -2.98
N HIS A 306 -1.60 1.10 -3.01
CA HIS A 306 -1.15 0.16 -4.04
C HIS A 306 -2.27 -0.80 -4.37
N THR A 307 -2.04 -1.64 -5.36
CA THR A 307 -3.08 -2.46 -5.97
C THR A 307 -2.47 -3.78 -6.34
N ALA A 308 -3.25 -4.85 -6.18
CA ALA A 308 -2.77 -6.21 -6.60
C ALA A 308 -3.87 -6.86 -7.49
N LEU A 309 -3.46 -7.64 -8.47
CA LEU A 309 -4.42 -8.37 -9.36
C LEU A 309 -3.96 -9.82 -9.37
N ILE A 310 -4.87 -10.77 -9.25
CA ILE A 310 -4.45 -12.19 -9.45
C ILE A 310 -5.12 -12.67 -10.71
N THR A 311 -4.37 -13.41 -11.56
CA THR A 311 -4.97 -13.84 -12.78
C THR A 311 -5.61 -15.18 -12.60
N ASP A 312 -6.32 -15.62 -13.66
CA ASP A 312 -7.03 -16.87 -13.57
C ASP A 312 -6.05 -18.05 -13.52
N ILE A 313 -4.76 -17.86 -13.85
CA ILE A 313 -3.86 -18.95 -13.69
C ILE A 313 -2.95 -18.84 -12.44
N GLY A 314 -3.16 -17.82 -11.63
CA GLY A 314 -2.44 -17.72 -10.39
C GLY A 314 -1.16 -16.89 -10.55
N LEU A 315 -1.08 -16.05 -11.61
CA LEU A 315 -0.03 -15.03 -11.63
C LEU A 315 -0.54 -13.82 -10.84
N MET A 316 0.40 -13.06 -10.26
CA MET A 316 -0.01 -11.79 -9.60
C MET A 316 0.75 -10.58 -10.13
N TYR A 317 0.06 -9.44 -10.26
CA TYR A 317 0.62 -8.21 -10.82
C TYR A 317 0.32 -7.15 -9.81
N THR A 318 1.28 -6.31 -9.47
CA THR A 318 1.02 -5.26 -8.51
C THR A 318 1.53 -3.95 -9.07
N PHE A 319 1.04 -2.83 -8.46
CA PHE A 319 1.42 -1.50 -8.94
C PHE A 319 1.03 -0.46 -7.87
N GLY A 320 1.79 0.63 -7.84
CA GLY A 320 1.54 1.68 -6.84
C GLY A 320 2.76 1.86 -5.98
N ASP A 321 2.51 2.30 -4.73
CA ASP A 321 3.57 2.74 -3.84
C ASP A 321 4.44 1.55 -3.43
N GLY A 322 5.77 1.65 -3.63
CA GLY A 322 6.71 0.50 -3.46
C GLY A 322 7.33 0.56 -2.02
N ARG A 323 6.97 1.56 -1.20
CA ARG A 323 7.71 1.65 0.13
C ARG A 323 7.61 0.39 0.96
N HIS A 324 8.73 0.04 1.60
CA HIS A 324 8.86 -1.08 2.53
C HIS A 324 8.81 -2.41 1.83
N GLY A 325 8.73 -2.45 0.47
CA GLY A 325 8.61 -3.77 -0.24
C GLY A 325 7.19 -4.29 -0.33
N LYS A 326 6.20 -3.41 -0.10
CA LYS A 326 4.82 -3.87 -0.01
C LYS A 326 4.19 -4.28 -1.35
N LEU A 327 4.84 -3.95 -2.44
CA LEU A 327 4.42 -4.49 -3.74
C LEU A 327 4.61 -6.00 -3.89
N GLY A 328 5.46 -6.62 -3.06
CA GLY A 328 5.43 -8.06 -3.12
C GLY A 328 6.26 -8.57 -4.30
N LEU A 329 7.16 -7.72 -4.75
CA LEU A 329 7.99 -8.08 -5.92
C LEU A 329 9.31 -8.70 -5.49
N GLY A 330 9.63 -8.63 -4.23
CA GLY A 330 10.82 -9.31 -3.80
C GLY A 330 12.15 -8.63 -4.20
N LEU A 331 12.13 -7.43 -4.82
CA LEU A 331 13.43 -6.72 -5.15
C LEU A 331 14.09 -6.20 -3.83
N GLU A 332 15.42 -6.20 -3.65
CA GLU A 332 15.94 -5.52 -2.43
C GLU A 332 15.82 -3.93 -2.45
N ASN A 333 15.84 -3.32 -3.66
CA ASN A 333 15.52 -1.81 -3.86
C ASN A 333 14.09 -1.46 -4.31
N PHE A 334 13.35 -0.74 -3.44
CA PHE A 334 11.98 -0.50 -3.69
C PHE A 334 11.79 0.74 -4.56
N THR A 335 10.66 0.81 -5.23
CA THR A 335 10.37 1.91 -6.14
C THR A 335 8.89 1.90 -6.37
N ASN A 336 8.30 3.07 -6.58
CA ASN A 336 6.89 3.09 -7.10
C ASN A 336 6.85 2.42 -8.48
N HIS A 337 5.74 1.75 -8.76
CA HIS A 337 5.49 1.17 -10.10
C HIS A 337 4.20 1.71 -10.67
N PHE A 338 4.24 2.17 -11.91
CA PHE A 338 3.12 2.95 -12.52
C PHE A 338 2.26 2.19 -13.54
N ILE A 339 2.71 0.99 -13.85
CA ILE A 339 1.94 0.02 -14.60
C ILE A 339 1.96 -1.34 -13.85
N PRO A 340 0.94 -2.16 -14.10
CA PRO A 340 0.93 -3.49 -13.44
C PRO A 340 2.20 -4.28 -13.72
N THR A 341 2.85 -4.81 -12.68
CA THR A 341 4.14 -5.40 -12.87
C THR A 341 4.04 -6.83 -12.33
N LEU A 342 4.57 -7.78 -13.12
CA LEU A 342 4.43 -9.16 -12.73
C LEU A 342 5.29 -9.45 -11.52
N CYS A 343 4.73 -10.19 -10.52
CA CYS A 343 5.50 -10.60 -9.33
C CYS A 343 6.24 -11.84 -9.83
N SER A 344 7.38 -11.65 -10.51
CA SER A 344 8.03 -12.79 -11.13
C SER A 344 8.77 -13.60 -10.04
N ASN A 345 8.89 -13.02 -8.87
CA ASN A 345 9.35 -13.79 -7.68
C ASN A 345 8.41 -14.98 -7.37
N PHE A 346 7.16 -14.89 -7.83
CA PHE A 346 6.20 -16.00 -7.63
C PHE A 346 6.01 -16.86 -8.84
N LEU A 347 6.90 -16.77 -9.84
CA LEU A 347 6.68 -17.65 -11.04
C LEU A 347 6.68 -19.17 -10.75
N ARG A 348 7.31 -19.65 -9.68
CA ARG A 348 7.21 -21.13 -9.49
CA ARG A 348 7.34 -21.08 -9.28
C ARG A 348 6.04 -21.49 -8.57
N PHE A 349 5.15 -20.53 -8.31
CA PHE A 349 3.99 -20.72 -7.42
C PHE A 349 2.69 -20.42 -8.14
N ILE A 350 1.59 -20.90 -7.61
CA ILE A 350 0.27 -20.44 -7.94
C ILE A 350 -0.16 -19.53 -6.78
N VAL A 351 -0.38 -18.25 -7.09
CA VAL A 351 -0.91 -17.33 -6.10
C VAL A 351 -2.41 -17.56 -6.00
N LYS A 352 -2.84 -17.81 -4.74
CA LYS A 352 -4.25 -18.14 -4.48
CA LYS A 352 -4.22 -18.19 -4.40
C LYS A 352 -5.04 -17.08 -3.74
N LEU A 353 -4.43 -16.31 -2.84
CA LEU A 353 -5.16 -15.24 -2.09
C LEU A 353 -4.14 -14.11 -1.91
N VAL A 354 -4.69 -12.87 -1.83
CA VAL A 354 -3.88 -11.74 -1.49
C VAL A 354 -4.74 -10.75 -0.68
N ALA A 355 -4.15 -9.97 0.21
CA ALA A 355 -4.83 -8.84 0.88
C ALA A 355 -3.73 -7.78 0.94
N CYS A 356 -4.16 -6.56 0.82
CA CYS A 356 -3.25 -5.37 0.83
C CYS A 356 -3.64 -4.40 1.89
N GLY A 357 -2.63 -3.91 2.65
CA GLY A 357 -2.86 -3.04 3.76
C GLY A 357 -2.23 -1.67 3.47
N GLY A 358 -2.05 -0.91 4.54
CA GLY A 358 -1.43 0.46 4.46
C GLY A 358 0.06 0.43 4.16
N CYS A 359 0.82 -0.49 4.80
CA CYS A 359 2.28 -0.55 4.66
CA CYS A 359 2.28 -0.53 4.56
C CYS A 359 2.76 -1.96 4.33
N HIS A 360 1.82 -2.81 3.92
CA HIS A 360 2.11 -4.25 3.83
C HIS A 360 1.12 -4.97 2.94
N MET A 361 1.48 -6.22 2.62
CA MET A 361 0.61 -7.09 1.85
C MET A 361 0.92 -8.53 2.29
N VAL A 362 -0.11 -9.39 2.16
CA VAL A 362 -0.02 -10.80 2.63
C VAL A 362 -0.49 -11.66 1.49
N VAL A 363 0.22 -12.75 1.17
CA VAL A 363 -0.04 -13.49 -0.09
C VAL A 363 -0.08 -14.95 0.34
N PHE A 364 -1.05 -15.70 -0.14
CA PHE A 364 -0.97 -17.17 0.05
C PHE A 364 -0.67 -17.79 -1.31
N ALA A 365 0.43 -18.57 -1.40
CA ALA A 365 0.83 -19.11 -2.70
C ALA A 365 1.27 -20.54 -2.54
N ALA A 366 0.99 -21.39 -3.55
CA ALA A 366 1.34 -22.79 -3.43
C ALA A 366 2.39 -23.14 -4.52
N PRO A 367 3.43 -23.88 -4.19
CA PRO A 367 4.47 -24.24 -5.17
C PRO A 367 3.96 -25.10 -6.33
N HIS A 368 4.49 -24.91 -7.56
CA HIS A 368 4.12 -25.84 -8.66
C HIS A 368 4.59 -27.21 -8.30
N ARG A 369 5.84 -27.37 -7.79
CA ARG A 369 6.24 -28.58 -6.97
C ARG A 369 7.03 -28.34 -5.67
N ASP B 12 2.19 -25.43 21.37
CA ASP B 12 0.70 -25.47 21.35
C ASP B 12 0.17 -26.32 20.17
N SER B 13 0.47 -25.87 18.95
CA SER B 13 -0.10 -26.33 17.64
C SER B 13 -1.46 -25.64 17.24
N ASP B 14 -1.88 -24.67 18.05
CA ASP B 14 -2.39 -23.41 17.51
C ASP B 14 -1.13 -22.66 17.07
N ASP B 15 -0.08 -23.42 16.71
CA ASP B 15 1.21 -22.86 16.36
C ASP B 15 1.43 -22.78 14.85
N VAL B 16 1.94 -21.63 14.49
CA VAL B 16 2.28 -21.35 13.13
C VAL B 16 3.73 -21.82 13.04
N ILE B 17 4.13 -22.31 11.87
CA ILE B 17 5.48 -22.83 11.67
C ILE B 17 6.15 -21.72 10.97
N VAL B 18 7.26 -21.26 11.52
CA VAL B 18 8.03 -20.21 10.85
C VAL B 18 9.36 -20.86 10.49
N PRO B 19 9.67 -20.98 9.18
CA PRO B 19 10.96 -21.61 8.84
C PRO B 19 12.14 -20.65 9.21
N PRO B 20 13.40 -21.18 9.30
CA PRO B 20 14.55 -20.28 9.58
C PRO B 20 14.77 -19.35 8.43
N MSE B 21 15.41 -18.20 8.67
CA MSE B 21 15.73 -17.30 7.54
C MSE B 21 16.95 -16.54 7.95
O MSE B 21 17.34 -15.57 7.29
CB MSE B 21 14.61 -16.33 7.07
CG MSE B 21 13.19 -16.88 6.81
SE MSE B 21 11.82 -15.60 7.46
CE MSE B 21 10.22 -16.68 7.84
N ASP B 29 20.81 -1.34 10.92
CA ASP B 29 22.23 -1.36 11.23
C ASP B 29 22.78 0.04 11.23
N SER B 30 23.76 0.27 12.09
CA SER B 30 24.70 1.35 11.92
C SER B 30 25.87 0.74 11.13
N GLU B 31 25.61 -0.32 10.38
CA GLU B 31 26.54 -0.76 9.33
C GLU B 31 25.93 -0.66 7.91
N LYS B 32 24.85 0.10 7.76
CA LYS B 32 24.29 0.33 6.44
CA LYS B 32 24.24 0.32 6.46
C LYS B 32 23.67 1.74 6.37
N MSE B 33 23.50 2.25 5.16
CA MSE B 33 22.87 3.54 4.94
C MSE B 33 21.69 3.25 4.03
O MSE B 33 21.78 2.39 3.12
CB MSE B 33 23.90 4.40 4.24
CG MSE B 33 23.24 5.66 3.72
SE MSE B 33 24.53 7.08 3.20
CE MSE B 33 25.81 7.05 4.68
N CYS B 34 20.55 3.91 4.23
CA CYS B 34 19.51 3.84 3.21
C CYS B 34 19.26 5.23 2.68
N ILE B 35 19.16 5.31 1.36
CA ILE B 35 18.86 6.56 0.68
C ILE B 35 17.57 6.44 -0.08
N GLU B 36 16.59 7.28 0.22
CA GLU B 36 15.36 7.33 -0.62
C GLU B 36 15.20 8.61 -1.35
N ILE B 37 14.95 8.54 -2.67
CA ILE B 37 14.62 9.73 -3.45
C ILE B 37 13.06 9.75 -3.43
N VAL B 38 12.48 10.71 -2.70
CA VAL B 38 11.02 10.64 -2.47
C VAL B 38 10.26 11.29 -3.57
N SER B 39 10.43 12.61 -3.78
CA SER B 39 9.53 13.22 -4.73
C SER B 39 10.10 14.58 -5.16
N LEU B 40 9.53 15.24 -6.17
CA LEU B 40 10.09 16.57 -6.47
C LEU B 40 8.98 17.42 -7.08
N ALA B 41 9.21 18.77 -7.08
CA ALA B 41 8.31 19.69 -7.68
C ALA B 41 9.19 20.76 -8.41
N PHE B 42 8.65 21.48 -9.41
CA PHE B 42 9.41 22.61 -9.98
C PHE B 42 8.57 23.87 -9.78
N TYR B 43 9.28 25.01 -9.64
CA TYR B 43 8.56 26.30 -9.56
C TYR B 43 8.02 26.57 -10.96
N PRO B 44 6.82 27.16 -11.05
CA PRO B 44 6.26 27.41 -12.40
C PRO B 44 7.08 28.31 -13.29
N GLU B 45 7.85 29.29 -12.71
CA GLU B 45 8.67 30.19 -13.50
C GLU B 45 10.00 29.62 -13.94
N ALA B 46 10.38 28.44 -13.46
CA ALA B 46 11.67 27.82 -13.85
C ALA B 46 11.70 27.56 -15.38
N GLU B 47 12.85 27.77 -16.01
CA GLU B 47 13.01 27.55 -17.50
C GLU B 47 12.52 26.12 -17.91
N VAL B 48 12.80 25.11 -17.04
CA VAL B 48 12.46 23.72 -17.38
C VAL B 48 10.95 23.63 -17.60
N MSE B 49 10.14 24.45 -16.91
CA MSE B 49 8.70 24.33 -16.97
C MSE B 49 8.22 24.86 -18.29
O MSE B 49 7.15 24.47 -18.71
CB MSE B 49 7.99 25.11 -15.84
CG MSE B 49 8.25 24.37 -14.54
SE MSE B 49 7.27 22.63 -14.48
CE MSE B 49 5.82 23.39 -13.34
N SER B 50 8.95 25.75 -18.97
CA SER B 50 8.47 26.24 -20.33
C SER B 50 9.15 25.54 -21.47
N ASP B 51 10.04 24.62 -21.17
CA ASP B 51 10.83 24.00 -22.23
C ASP B 51 10.04 22.73 -22.68
N GLU B 52 9.37 22.82 -23.86
CA GLU B 52 8.53 21.72 -24.36
C GLU B 52 9.27 20.44 -24.62
N ASN B 53 10.58 20.54 -24.83
CA ASN B 53 11.39 19.39 -25.12
C ASN B 53 11.64 18.58 -23.88
N ILE B 54 11.28 19.10 -22.70
CA ILE B 54 11.60 18.41 -21.47
C ILE B 54 10.31 17.84 -21.02
N LYS B 55 10.14 16.54 -21.27
CA LYS B 55 8.83 15.91 -21.03
C LYS B 55 8.75 15.08 -19.71
N GLN B 56 9.85 14.52 -19.26
CA GLN B 56 9.83 13.59 -18.14
C GLN B 56 11.22 13.64 -17.57
N VAL B 57 11.34 13.30 -16.28
CA VAL B 57 12.63 13.42 -15.60
C VAL B 57 12.81 12.20 -14.74
N TYR B 58 14.08 11.95 -14.43
CA TYR B 58 14.40 11.04 -13.38
C TYR B 58 15.45 11.70 -12.50
N VAL B 59 15.85 11.02 -11.41
CA VAL B 59 16.81 11.55 -10.49
C VAL B 59 17.94 10.49 -10.24
N GLU B 60 19.19 10.97 -10.14
CA GLU B 60 20.31 10.03 -9.86
C GLU B 60 21.25 10.61 -8.88
N TYR B 61 22.13 9.78 -8.31
CA TYR B 61 23.28 10.27 -7.61
C TYR B 61 24.37 9.23 -7.88
N LYS B 62 25.61 9.58 -7.58
CA LYS B 62 26.75 8.63 -7.76
C LYS B 62 27.31 8.36 -6.35
N PHE B 63 27.35 7.10 -5.94
CA PHE B 63 27.93 6.77 -4.62
C PHE B 63 29.18 5.89 -4.76
N TYR B 64 30.34 6.49 -4.48
CA TYR B 64 31.62 5.79 -4.47
C TYR B 64 31.75 4.95 -5.76
N ASP B 65 31.88 3.64 -5.65
CA ASP B 65 32.04 2.91 -6.89
C ASP B 65 30.82 2.08 -7.32
N LEU B 66 29.63 2.37 -6.80
CA LEU B 66 28.46 1.67 -7.27
C LEU B 66 28.16 2.15 -8.73
N PRO B 67 27.83 1.24 -9.62
CA PRO B 67 27.41 1.71 -10.93
C PRO B 67 26.24 2.69 -10.82
N LEU B 68 26.29 3.71 -11.67
CA LEU B 68 25.20 4.68 -11.74
C LEU B 68 23.88 4.05 -12.01
N SER B 69 23.86 2.95 -12.79
CA SER B 69 22.57 2.27 -13.03
C SER B 69 21.86 1.82 -11.74
N GLU B 70 22.60 1.61 -10.65
CA GLU B 70 22.03 1.19 -9.37
C GLU B 70 21.53 2.35 -8.50
N THR B 71 21.84 3.59 -8.90
CA THR B 71 21.48 4.78 -8.05
C THR B 71 20.78 5.82 -8.90
N GLU B 72 19.97 5.35 -9.85
CA GLU B 72 19.07 6.25 -10.54
C GLU B 72 17.65 5.77 -10.27
N THR B 73 16.67 6.66 -10.27
CA THR B 73 15.29 6.20 -10.02
C THR B 73 14.96 5.29 -11.24
N PRO B 74 14.34 4.12 -11.01
CA PRO B 74 14.24 3.17 -12.12
C PRO B 74 13.18 3.63 -13.10
N VAL B 75 12.37 4.59 -12.77
CA VAL B 75 11.38 5.06 -13.71
C VAL B 75 11.59 6.58 -13.95
N SER B 76 11.20 7.12 -15.13
CA SER B 76 11.18 8.58 -15.37
C SER B 76 9.69 8.93 -15.31
N LEU B 77 9.35 10.11 -14.80
CA LEU B 77 7.98 10.51 -14.61
C LEU B 77 7.71 11.83 -15.38
N ARG B 78 6.50 12.01 -15.84
CA ARG B 78 6.12 13.27 -16.46
C ARG B 78 6.59 14.48 -15.63
N LYS B 79 7.18 15.49 -16.30
CA LYS B 79 7.53 16.72 -15.63
C LYS B 79 6.23 17.28 -14.87
N PRO B 80 6.33 17.68 -13.59
CA PRO B 80 5.10 18.10 -12.85
C PRO B 80 4.56 19.42 -13.47
N ARG B 81 3.26 19.59 -13.37
CA ARG B 81 2.69 20.92 -13.66
C ARG B 81 2.77 21.79 -12.41
N ALA B 82 2.37 23.04 -12.53
CA ALA B 82 2.47 24.01 -11.45
C ALA B 82 1.68 23.49 -10.28
N GLY B 83 2.25 23.43 -9.09
CA GLY B 83 1.49 23.01 -7.88
C GLY B 83 1.47 21.47 -7.75
N GLU B 84 2.08 20.71 -8.68
CA GLU B 84 2.04 19.22 -8.62
C GLU B 84 3.38 18.69 -8.07
N GLU B 85 3.40 17.50 -7.42
CA GLU B 85 4.67 16.86 -7.08
C GLU B 85 4.62 15.47 -7.81
N ILE B 86 5.75 14.97 -8.26
CA ILE B 86 5.89 13.62 -8.72
C ILE B 86 6.64 12.79 -7.68
N HIS B 87 6.30 11.51 -7.60
CA HIS B 87 6.73 10.68 -6.46
C HIS B 87 7.40 9.44 -6.96
N PHE B 88 8.69 9.31 -6.62
CA PHE B 88 9.47 8.19 -7.04
C PHE B 88 9.48 7.09 -6.02
N HIS B 89 9.69 7.48 -4.75
CA HIS B 89 9.90 6.53 -3.64
C HIS B 89 10.95 5.49 -3.96
N PHE B 90 12.11 5.94 -4.46
CA PHE B 90 13.15 4.99 -4.85
C PHE B 90 14.07 4.82 -3.65
N SER B 91 14.12 3.62 -3.05
CA SER B 91 14.97 3.36 -1.87
CA SER B 91 14.99 3.33 -1.86
C SER B 91 16.11 2.40 -2.20
N LYS B 92 17.29 2.68 -1.64
CA LYS B 92 18.53 1.91 -1.93
C LYS B 92 19.27 1.74 -0.59
N VAL B 93 19.58 0.49 -0.24
CA VAL B 93 20.30 0.22 1.03
C VAL B 93 21.72 -0.08 0.58
N ILE B 94 22.65 0.65 1.16
CA ILE B 94 24.03 0.51 0.83
C ILE B 94 24.73 -0.14 2.04
N ASP B 95 25.32 -1.31 1.79
CA ASP B 95 26.09 -2.05 2.83
C ASP B 95 27.34 -1.26 3.16
N LEU B 96 27.62 -1.08 4.46
CA LEU B 96 28.82 -0.37 4.94
C LEU B 96 29.54 -1.17 6.06
N ASP B 97 29.49 -2.49 5.91
CA ASP B 97 30.12 -3.40 6.88
C ASP B 97 31.51 -2.91 7.21
N PRO B 98 31.81 -2.78 8.52
CA PRO B 98 33.10 -2.25 8.96
C PRO B 98 34.33 -2.86 8.30
N GLN B 99 34.34 -4.15 7.94
CA GLN B 99 35.57 -4.67 7.26
C GLN B 99 35.49 -5.00 5.77
N GLU B 100 34.29 -5.19 5.24
CA GLU B 100 34.15 -5.46 3.81
C GLU B 100 33.94 -4.18 3.07
N GLN B 101 33.47 -3.15 3.76
CA GLN B 101 33.19 -1.91 3.06
C GLN B 101 34.03 -0.75 3.52
N GLN B 102 35.31 -1.04 3.81
CA GLN B 102 36.28 0.02 4.08
C GLN B 102 36.31 1.21 3.10
N GLY B 103 36.33 0.97 1.78
CA GLY B 103 36.52 2.06 0.84
C GLY B 103 35.27 2.96 0.86
N ARG B 104 34.06 2.35 0.90
CA ARG B 104 32.78 3.14 0.99
C ARG B 104 32.75 3.99 2.26
N ARG B 105 33.22 3.42 3.39
CA ARG B 105 33.25 4.12 4.68
C ARG B 105 34.20 5.34 4.66
N ARG B 106 35.40 5.15 4.15
CA ARG B 106 36.37 6.23 3.87
C ARG B 106 35.88 7.32 2.86
N PHE B 107 35.13 6.90 1.85
CA PHE B 107 34.46 7.84 0.90
C PHE B 107 33.54 8.77 1.70
N LEU B 108 32.81 8.17 2.66
CA LEU B 108 31.87 8.90 3.54
C LEU B 108 32.57 9.79 4.56
N PHE B 109 33.64 9.26 5.16
CA PHE B 109 34.54 10.05 6.00
C PHE B 109 35.11 11.28 5.30
N ASP B 110 35.63 11.13 4.09
CA ASP B 110 36.14 12.28 3.36
C ASP B 110 35.04 13.31 3.17
N MSE B 111 33.85 12.81 2.83
CA MSE B 111 32.67 13.69 2.64
C MSE B 111 32.29 14.43 3.93
O MSE B 111 32.00 15.65 3.86
CB MSE B 111 31.48 12.89 2.01
CG MSE B 111 30.29 13.79 1.68
SE MSE B 111 29.15 12.82 0.37
CE MSE B 111 30.47 11.39 0.26
N LEU B 112 32.26 13.76 5.08
CA LEU B 112 31.95 14.42 6.34
C LEU B 112 32.95 15.55 6.66
N ASN B 113 34.22 15.33 6.31
CA ASN B 113 35.31 16.32 6.42
C ASN B 113 35.34 17.37 5.28
N GLY B 114 34.31 17.38 4.44
CA GLY B 114 34.16 18.36 3.35
C GLY B 114 35.24 18.21 2.28
N GLN B 115 35.82 17.01 2.16
CA GLN B 115 37.01 16.74 1.33
C GLN B 115 36.79 16.42 -0.17
N ASP B 116 35.54 16.16 -0.58
CA ASP B 116 35.21 15.69 -1.95
C ASP B 116 35.01 16.88 -2.91
N PRO B 117 34.78 16.60 -4.23
CA PRO B 117 34.50 17.73 -5.13
C PRO B 117 33.34 18.62 -4.64
N ASP B 118 32.26 17.99 -4.12
CA ASP B 118 31.08 18.73 -3.68
C ASP B 118 31.15 19.27 -2.25
N GLN B 119 32.36 19.24 -1.68
CA GLN B 119 32.61 19.96 -0.46
C GLN B 119 31.68 19.51 0.66
N GLY B 120 31.61 18.20 0.87
CA GLY B 120 30.81 17.64 1.97
C GLY B 120 29.34 17.34 1.67
N HIS B 121 28.96 17.43 0.39
CA HIS B 121 27.60 17.15 -0.04
C HIS B 121 27.45 15.96 -0.97
N LEU B 122 26.35 15.21 -0.77
CA LEU B 122 25.90 14.21 -1.70
C LEU B 122 25.02 14.94 -2.73
N LYS B 123 25.39 14.84 -4.00
CA LYS B 123 24.69 15.64 -5.01
C LYS B 123 23.68 14.75 -5.75
N PHE B 124 22.43 15.19 -5.86
CA PHE B 124 21.42 14.51 -6.64
C PHE B 124 21.24 15.32 -7.90
N THR B 125 21.15 14.64 -9.01
CA THR B 125 21.00 15.32 -10.29
C THR B 125 19.63 14.99 -10.82
N VAL B 126 18.91 15.98 -11.27
CA VAL B 126 17.64 15.72 -11.95
C VAL B 126 17.92 15.75 -13.45
N VAL B 127 17.47 14.71 -14.21
CA VAL B 127 17.88 14.57 -15.59
C VAL B 127 16.64 14.39 -16.44
N SER B 128 16.60 15.11 -17.52
CA SER B 128 15.52 14.96 -18.49
C SER B 128 15.78 13.74 -19.36
N ASP B 129 14.75 12.89 -19.54
CA ASP B 129 14.86 11.61 -20.26
C ASP B 129 14.01 11.77 -21.51
N PRO B 130 14.60 11.72 -22.72
CA PRO B 130 13.80 11.85 -23.94
C PRO B 130 12.80 10.67 -24.01
N LEU B 131 11.74 10.79 -24.81
CA LEU B 131 10.73 9.71 -24.79
C LEU B 131 11.37 8.44 -25.37
N ASP B 132 12.30 8.66 -26.29
CA ASP B 132 13.05 7.49 -26.85
C ASP B 132 14.22 7.02 -25.96
N GLU B 133 14.43 7.68 -24.82
CA GLU B 133 15.40 7.18 -23.81
C GLU B 133 16.86 7.17 -24.32
N GLU B 134 17.15 7.96 -25.32
CA GLU B 134 18.56 8.00 -25.83
C GLU B 134 19.43 8.75 -24.85
N LYS B 135 20.45 8.07 -24.34
CA LYS B 135 21.36 8.72 -23.33
C LYS B 135 21.96 10.01 -23.88
N LYS B 136 22.25 10.06 -25.20
CA LYS B 136 22.99 11.20 -25.75
C LYS B 136 22.15 12.42 -25.77
N GLU B 137 20.84 12.26 -25.60
CA GLU B 137 19.95 13.48 -25.50
C GLU B 137 19.42 13.74 -24.11
N CYS B 138 19.88 12.96 -23.10
CA CYS B 138 19.57 13.32 -21.72
C CYS B 138 20.24 14.66 -21.41
N GLU B 139 19.61 15.46 -20.57
CA GLU B 139 20.17 16.73 -20.13
C GLU B 139 20.03 16.87 -18.63
N GLU B 140 21.08 17.37 -17.96
CA GLU B 140 20.98 17.63 -16.50
C GLU B 140 20.12 18.90 -16.34
N VAL B 141 19.02 18.82 -15.61
CA VAL B 141 18.05 19.94 -15.48
C VAL B 141 18.38 20.75 -14.21
N GLY B 142 18.95 20.11 -13.19
CA GLY B 142 19.29 20.78 -11.89
C GLY B 142 19.96 19.81 -10.91
N TYR B 143 20.47 20.39 -9.84
CA TYR B 143 21.20 19.68 -8.80
C TYR B 143 20.61 19.99 -7.46
N ALA B 144 20.63 19.02 -6.56
CA ALA B 144 20.33 19.31 -5.15
C ALA B 144 21.43 18.72 -4.28
N TYR B 145 21.81 19.46 -3.25
CA TYR B 145 22.97 19.07 -2.47
C TYR B 145 22.54 18.76 -1.06
N LEU B 146 22.96 17.60 -0.59
CA LEU B 146 22.68 17.26 0.81
C LEU B 146 23.92 17.22 1.69
N GLN B 147 23.97 18.03 2.76
CA GLN B 147 25.20 18.14 3.54
C GLN B 147 25.24 17.02 4.60
N LEU B 148 26.20 16.10 4.47
CA LEU B 148 26.30 14.93 5.40
C LEU B 148 26.62 15.32 6.86
N TRP B 149 27.54 16.27 7.03
CA TRP B 149 27.92 16.73 8.37
C TRP B 149 26.75 17.11 9.26
N GLN B 150 25.72 17.69 8.65
CA GLN B 150 24.48 18.06 9.33
C GLN B 150 23.79 16.91 10.03
N ILE B 151 23.62 15.79 9.33
CA ILE B 151 23.15 14.52 9.95
C ILE B 151 24.04 14.04 11.09
N LEU B 152 25.37 14.12 10.91
CA LEU B 152 26.27 13.80 11.99
C LEU B 152 25.98 14.70 13.19
N GLU B 153 26.01 16.03 12.97
CA GLU B 153 25.83 17.02 14.03
C GLU B 153 24.47 16.91 14.71
N SER B 154 23.38 16.93 13.93
CA SER B 154 22.02 16.85 14.48
C SER B 154 21.81 15.54 15.27
N GLY B 155 22.59 14.53 14.95
CA GLY B 155 22.36 13.19 15.49
C GLY B 155 21.10 12.45 15.03
N ARG B 156 20.30 13.01 14.14
CA ARG B 156 19.19 12.20 13.66
C ARG B 156 18.95 12.31 12.15
N ASP B 157 18.05 11.47 11.68
CA ASP B 157 17.64 11.40 10.27
C ASP B 157 16.35 12.15 10.03
N ILE B 158 16.35 13.11 9.11
CA ILE B 158 15.09 13.78 8.78
C ILE B 158 14.45 12.96 7.64
N LEU B 159 13.18 12.60 7.80
CA LEU B 159 12.38 12.08 6.67
C LEU B 159 11.92 13.25 5.82
N GLU B 160 11.80 13.00 4.53
CA GLU B 160 11.37 13.97 3.51
C GLU B 160 11.97 15.37 3.76
N GLN B 161 13.27 15.36 4.12
CA GLN B 161 14.12 16.56 4.00
C GLN B 161 14.01 17.20 2.58
N GLU B 162 13.77 18.50 2.52
CA GLU B 162 13.49 19.11 1.24
C GLU B 162 14.70 19.91 0.87
N LEU B 163 15.21 19.71 -0.34
CA LEU B 163 16.45 20.39 -0.78
C LEU B 163 16.05 21.27 -1.94
N ASP B 164 16.70 22.42 -2.07
CA ASP B 164 16.55 23.18 -3.29
C ASP B 164 17.19 22.45 -4.43
N ILE B 165 16.49 22.42 -5.55
CA ILE B 165 17.08 21.97 -6.84
C ILE B 165 17.51 23.33 -7.47
N VAL B 166 18.79 23.42 -7.82
CA VAL B 166 19.37 24.66 -8.31
C VAL B 166 19.75 24.53 -9.80
N SER B 167 19.71 25.65 -10.49
CA SER B 167 19.94 25.66 -11.92
C SER B 167 21.40 25.26 -12.23
N PRO B 168 21.64 24.49 -13.30
CA PRO B 168 23.04 24.19 -13.70
C PRO B 168 23.81 25.45 -14.13
N GLU B 169 23.09 26.53 -14.41
CA GLU B 169 23.77 27.80 -14.94
C GLU B 169 24.61 28.50 -13.86
N ASP B 170 24.11 28.60 -12.62
CA ASP B 170 24.86 29.28 -11.61
C ASP B 170 24.99 28.42 -10.36
N LEU B 171 24.37 27.24 -10.31
CA LEU B 171 24.43 26.40 -9.05
C LEU B 171 23.87 27.12 -7.83
N ALA B 172 22.93 28.03 -8.06
CA ALA B 172 22.43 28.89 -6.98
C ALA B 172 20.93 29.26 -7.12
N THR B 173 20.44 29.49 -8.33
CA THR B 173 19.05 29.87 -8.51
C THR B 173 18.15 28.65 -8.43
N PRO B 174 17.21 28.66 -7.50
CA PRO B 174 16.30 27.50 -7.36
C PRO B 174 15.46 27.33 -8.59
N ILE B 175 15.20 26.10 -8.97
CA ILE B 175 14.25 25.80 -10.04
C ILE B 175 13.15 24.89 -9.45
N GLY B 176 13.38 24.32 -8.26
CA GLY B 176 12.42 23.39 -7.66
C GLY B 176 12.90 22.88 -6.30
N ARG B 177 12.26 21.81 -5.82
CA ARG B 177 12.53 21.23 -4.53
C ARG B 177 12.51 19.72 -4.64
N LEU B 178 13.51 19.07 -4.03
CA LEU B 178 13.63 17.60 -4.04
C LEU B 178 13.52 17.11 -2.63
N LYS B 179 12.61 16.14 -2.39
CA LYS B 179 12.53 15.55 -1.05
C LYS B 179 13.30 14.23 -1.04
N VAL B 180 14.19 14.03 -0.05
CA VAL B 180 14.93 12.79 0.09
C VAL B 180 14.81 12.34 1.54
N SER B 181 15.03 11.05 1.85
CA SER B 181 15.16 10.58 3.24
C SER B 181 16.35 9.67 3.32
N LEU B 182 17.27 9.93 4.25
CA LEU B 182 18.41 9.11 4.46
C LEU B 182 18.34 8.56 5.87
N GLN B 183 18.62 7.28 6.00
CA GLN B 183 18.88 6.72 7.31
C GLN B 183 20.37 6.51 7.36
N ALA B 184 21.04 7.40 8.08
CA ALA B 184 22.50 7.52 7.97
C ALA B 184 23.21 7.95 9.29
N ALA B 185 22.46 8.53 10.23
CA ALA B 185 23.08 9.08 11.47
C ALA B 185 23.87 8.00 12.23
N ALA B 186 23.28 6.82 12.39
CA ALA B 186 23.88 5.75 13.16
C ALA B 186 25.19 5.38 12.52
N VAL B 187 25.19 5.18 11.21
CA VAL B 187 26.40 4.79 10.51
C VAL B 187 27.46 5.90 10.32
N LEU B 188 27.03 7.15 10.12
CA LEU B 188 28.02 8.24 9.99
C LEU B 188 28.67 8.38 11.32
N HIS B 189 27.90 8.19 12.39
CA HIS B 189 28.48 8.29 13.70
C HIS B 189 29.46 7.16 13.95
N ALA B 190 29.15 5.92 13.52
CA ALA B 190 30.14 4.83 13.70
C ALA B 190 31.39 5.08 12.87
N ILE B 191 31.23 5.55 11.61
CA ILE B 191 32.37 5.82 10.68
C ILE B 191 33.26 6.96 11.26
N TYR B 192 32.63 8.05 11.72
CA TYR B 192 33.42 9.16 12.25
C TYR B 192 34.26 8.63 13.43
N LYS B 193 33.61 7.93 14.38
CA LYS B 193 34.33 7.29 15.51
C LYS B 193 35.51 6.46 15.01
N GLU B 194 35.22 5.47 14.17
CA GLU B 194 36.26 4.57 13.70
C GLU B 194 37.43 5.28 13.03
N MSE B 195 37.18 6.20 12.12
CA MSE B 195 38.26 6.72 11.25
C MSE B 195 39.10 7.82 11.84
O MSE B 195 40.17 8.14 11.29
CB MSE B 195 37.75 7.05 9.84
CG MSE B 195 38.46 6.18 8.83
SE MSE B 195 37.07 5.46 7.68
CE MSE B 195 37.51 3.56 7.95
N THR B 196 38.68 8.41 12.96
CA THR B 196 39.54 9.39 13.63
C THR B 196 40.51 8.79 14.67
N GLU B 197 40.37 7.50 15.00
CA GLU B 197 41.21 6.86 16.04
C GLU B 197 41.30 5.31 16.00
N ASP B 198 40.88 4.67 14.90
CA ASP B 198 40.84 3.19 14.79
C ASP B 198 41.08 2.72 13.35
MG MG C . -10.44 14.57 -15.82
C1 GOL D . 8.28 -14.84 -3.05
O1 GOL D . 8.99 -13.65 -2.85
C2 GOL D . 9.10 -15.99 -3.51
O2 GOL D . 10.40 -15.64 -4.03
C3 GOL D . 9.12 -17.23 -2.63
O3 GOL D . 9.91 -18.16 -3.33
C1 GOL E . -9.35 -3.39 -0.65
O1 GOL E . -8.98 -4.73 -1.14
C2 GOL E . -10.67 -3.20 0.09
O2 GOL E . -11.67 -4.31 0.00
C3 GOL E . -10.66 -2.54 1.45
O3 GOL E . -11.89 -2.95 2.20
C1 GOL F . -3.10 1.69 13.47
O1 GOL F . -3.12 1.16 14.84
C2 GOL F . -3.76 3.07 13.47
O2 GOL F . -3.13 3.75 14.58
C3 GOL F . -3.67 3.83 12.12
O3 GOL F . -4.21 5.25 12.16
C1 GOL G . -17.67 13.13 14.91
O1 GOL G . -17.46 12.13 15.91
C2 GOL G . -18.66 12.42 13.99
O2 GOL G . -20.03 12.35 14.48
C3 GOL G . -18.65 12.85 12.53
O3 GOL G . -18.89 11.56 11.88
C1 GOL H . -5.74 3.65 22.22
O1 GOL H . -6.43 4.36 23.26
C2 GOL H . -4.88 4.61 21.40
O2 GOL H . -4.92 5.90 21.99
C3 GOL H . -3.41 4.25 21.36
O3 GOL H . -2.94 4.73 20.09
MG MG I . -0.05 4.95 5.08
C1 GOL J . 15.03 4.96 -16.36
O1 GOL J . 14.56 6.07 -15.56
C2 GOL J . 16.43 5.43 -16.68
O2 GOL J . 17.09 5.75 -15.46
C3 GOL J . 17.20 4.38 -17.45
O3 GOL J . 17.94 5.22 -18.34
C1 GOL K . 23.92 17.72 -19.12
O1 GOL K . 23.09 18.59 -19.94
C2 GOL K . 24.86 16.98 -20.03
O2 GOL K . 25.34 17.83 -21.05
C3 GOL K . 26.18 16.85 -19.31
O3 GOL K . 26.35 15.46 -18.97
#